data_7Q0D
#
_entry.id   7Q0D
#
_cell.length_a   62.039
_cell.length_b   73.235
_cell.length_c   120.473
_cell.angle_alpha   90.000
_cell.angle_beta   90.000
_cell.angle_gamma   90.000
#
_symmetry.space_group_name_H-M   'P 21 21 21'
#
loop_
_entity.id
_entity.type
_entity.pdbx_description
1 polymer 'Carbonic anhydrase 1'
2 non-polymer 'ZINC ION'
3 non-polymer 'methyl 4-chloranyl-2-(phenylsulfonyl)-5-sulfamoyl-benzoate'
4 non-polymer 1,2-ETHANEDIOL
5 non-polymer 'ACETATE ION'
6 non-polymer DI(HYDROXYETHYL)ETHER
7 water water
#
_entity_poly.entity_id   1
_entity_poly.type   'polypeptide(L)'
_entity_poly.pdbx_seq_one_letter_code
;MASPDWGYDDKNGPEQWSKLYPIANGNNQSPVDIKTSETKHDTSLKPISVSYNPATAKEIINVGHSFHVNFEDNDNRSVL
KGGPFSDSYRLFQFHFHWGSTNEHGSEHTVDGVKYSAELHVAHWNSAKYSSLAEAASKADGLAVIGVLMKVGEANPKLQK
VLDALQAIKTKGKRAPFTNFDPSTLLPSSLDFWTYPGSLTHPPLYESVTWIICKESISVSSEQLAQFRSLLSNVEGDNAV
PMQHNNRPTQPLKGRTVRASF
;
_entity_poly.pdbx_strand_id   A,B
#
# COMPACT_ATOMS: atom_id res chain seq x y z
N PRO A 4 0.21 12.69 9.93
CA PRO A 4 1.32 11.65 9.71
C PRO A 4 2.61 12.10 10.37
N ASP A 5 3.48 11.11 10.57
CA ASP A 5 4.77 11.32 11.20
C ASP A 5 5.79 11.86 10.22
N TRP A 6 5.36 12.28 9.03
CA TRP A 6 6.36 12.85 8.11
C TRP A 6 5.70 13.97 7.32
N GLY A 7 6.54 14.85 6.79
CA GLY A 7 6.06 15.91 5.88
C GLY A 7 7.22 16.48 5.15
N TYR A 8 7.16 17.78 4.87
CA TYR A 8 8.24 18.46 4.15
C TYR A 8 8.78 19.65 4.92
N ASP A 9 8.34 19.81 6.20
CA ASP A 9 8.84 20.91 6.99
C ASP A 9 10.19 20.59 7.63
N ASP A 10 10.80 21.57 8.25
CA ASP A 10 12.12 21.36 8.82
C ASP A 10 12.13 20.31 9.93
N LYS A 11 10.99 20.13 10.57
CA LYS A 11 10.96 19.21 11.69
C LYS A 11 10.61 17.79 11.21
N ASN A 12 9.91 17.63 10.09
CA ASN A 12 9.48 16.26 9.70
C ASN A 12 9.80 15.98 8.26
N GLY A 13 10.71 16.70 7.67
CA GLY A 13 10.97 16.65 6.23
C GLY A 13 12.03 15.64 5.85
N PRO A 14 12.42 15.70 4.57
CA PRO A 14 13.35 14.75 3.98
C PRO A 14 14.59 14.47 4.79
N GLU A 15 15.19 15.51 5.41
CA GLU A 15 16.48 15.29 6.08
C GLU A 15 16.23 14.50 7.37
N GLN A 16 15.00 14.38 7.85
CA GLN A 16 14.73 13.60 9.06
C GLN A 16 13.94 12.29 8.81
N TRP A 17 13.52 12.00 7.58
CA TRP A 17 12.73 10.77 7.34
C TRP A 17 13.47 9.50 7.69
N SER A 18 14.77 9.44 7.70
CA SER A 18 15.49 8.19 8.00
C SER A 18 15.25 7.73 9.45
N LYS A 19 14.86 8.66 10.34
CA LYS A 19 14.69 8.20 11.71
C LYS A 19 13.53 7.24 11.75
N LEU A 20 12.43 7.52 11.10
CA LEU A 20 11.29 6.62 11.10
C LEU A 20 11.24 5.69 9.88
N TYR A 21 11.96 5.98 8.82
CA TYR A 21 11.98 5.13 7.62
C TYR A 21 13.43 4.96 7.23
N PRO A 22 14.11 3.99 7.87
CA PRO A 22 15.58 3.87 7.63
C PRO A 22 15.96 3.61 6.21
N ILE A 23 15.07 3.07 5.38
CA ILE A 23 15.41 2.90 3.97
C ILE A 23 15.63 4.22 3.24
N ALA A 24 15.35 5.34 3.87
CA ALA A 24 15.72 6.64 3.24
C ALA A 24 17.15 6.74 2.94
N ASN A 25 17.99 5.94 3.60
CA ASN A 25 19.43 5.94 3.36
C ASN A 25 19.88 4.69 2.60
N GLY A 26 18.95 4.10 1.84
CA GLY A 26 19.21 2.90 1.05
C GLY A 26 20.00 3.15 -0.20
N ASN A 27 20.18 2.07 -0.98
CA ASN A 27 21.00 2.09 -2.17
C ASN A 27 20.22 2.30 -3.43
N ASN A 28 18.87 2.30 -3.31
N ASN A 28 18.90 2.46 -3.33
CA ASN A 28 17.99 2.48 -4.46
CA ASN A 28 18.13 2.60 -4.55
C ASN A 28 17.01 3.66 -4.34
C ASN A 28 17.05 3.64 -4.27
N GLN A 29 17.47 4.80 -3.73
CA GLN A 29 16.55 5.87 -3.41
C GLN A 29 16.36 6.84 -4.57
N SER A 30 15.20 7.46 -4.60
CA SER A 30 14.84 8.42 -5.65
C SER A 30 14.38 9.72 -5.00
N PRO A 31 14.45 10.85 -5.70
CA PRO A 31 14.92 11.01 -7.07
C PRO A 31 16.47 11.05 -7.16
N VAL A 32 17.00 11.15 -8.37
CA VAL A 32 18.43 11.25 -8.60
C VAL A 32 18.65 12.33 -9.62
N ASP A 33 19.90 12.81 -9.66
CA ASP A 33 20.38 13.64 -10.77
C ASP A 33 20.79 12.69 -11.92
N ILE A 34 20.32 12.93 -13.11
CA ILE A 34 20.71 12.19 -14.31
C ILE A 34 21.82 12.98 -14.97
N LYS A 35 23.03 12.44 -14.91
CA LYS A 35 24.18 13.04 -15.58
C LYS A 35 24.13 12.39 -16.95
N THR A 36 23.90 13.18 -17.99
CA THR A 36 23.75 12.61 -19.31
C THR A 36 25.03 12.00 -19.85
N SER A 37 26.18 12.52 -19.45
CA SER A 37 27.43 11.88 -19.93
C SER A 37 27.64 10.54 -19.38
N GLU A 38 26.92 10.15 -18.33
N GLU A 38 26.90 10.11 -18.35
CA GLU A 38 27.11 8.85 -17.71
CA GLU A 38 27.13 8.85 -17.73
C GLU A 38 26.06 7.81 -18.07
C GLU A 38 26.02 7.84 -18.01
N THR A 39 24.99 8.21 -18.74
CA THR A 39 23.97 7.26 -19.09
C THR A 39 24.49 6.20 -20.05
N LYS A 40 23.88 5.05 -20.06
CA LYS A 40 24.29 3.99 -20.97
C LYS A 40 23.13 3.56 -21.80
N HIS A 41 23.29 3.42 -23.09
CA HIS A 41 22.25 3.00 -23.98
C HIS A 41 22.14 1.52 -23.92
N ASP A 42 20.91 0.98 -23.72
CA ASP A 42 20.61 -0.44 -23.70
C ASP A 42 19.78 -0.79 -24.89
N THR A 43 20.37 -1.57 -25.80
CA THR A 43 19.71 -1.84 -27.08
C THR A 43 18.46 -2.74 -26.89
N SER A 44 18.26 -3.33 -25.71
CA SER A 44 17.08 -4.14 -25.46
C SER A 44 15.86 -3.28 -25.10
N LEU A 45 16.06 -2.02 -24.75
CA LEU A 45 14.90 -1.19 -24.40
C LEU A 45 13.95 -1.04 -25.57
N LYS A 46 12.69 -1.15 -25.41
CA LYS A 46 11.72 -0.86 -26.42
C LYS A 46 11.15 0.55 -26.21
N PRO A 47 10.48 1.13 -27.23
CA PRO A 47 9.73 2.33 -26.92
C PRO A 47 8.71 2.08 -25.83
N ILE A 48 8.40 3.15 -25.11
N ILE A 48 8.40 3.07 -25.01
CA ILE A 48 7.26 3.21 -24.20
CA ILE A 48 7.24 2.82 -24.13
C ILE A 48 5.91 3.20 -24.94
C ILE A 48 5.98 3.13 -24.87
N SER A 49 4.95 2.45 -24.43
CA SER A 49 3.65 2.47 -25.00
C SER A 49 2.67 2.72 -23.86
N VAL A 50 1.91 3.80 -23.98
CA VAL A 50 0.88 4.08 -23.01
C VAL A 50 -0.46 3.88 -23.71
N SER A 51 -1.29 3.12 -23.06
CA SER A 51 -2.63 2.81 -23.63
C SER A 51 -3.61 3.02 -22.49
N TYR A 52 -4.07 4.25 -22.32
CA TYR A 52 -4.97 4.57 -21.21
C TYR A 52 -6.38 4.75 -21.69
N ASN A 53 -7.32 4.40 -20.88
CA ASN A 53 -8.74 4.53 -21.25
C ASN A 53 -9.29 5.67 -20.39
N PRO A 54 -9.81 6.75 -21.00
CA PRO A 54 -10.20 7.93 -20.20
C PRO A 54 -11.33 7.61 -19.22
N ALA A 55 -12.11 6.55 -19.45
CA ALA A 55 -13.20 6.17 -18.53
C ALA A 55 -12.67 5.59 -17.27
N THR A 56 -11.35 5.33 -17.14
CA THR A 56 -10.82 4.90 -15.89
C THR A 56 -10.52 6.06 -14.91
N ALA A 57 -10.55 7.30 -15.35
CA ALA A 57 -10.34 8.39 -14.38
C ALA A 57 -11.46 8.30 -13.32
N LYS A 58 -11.08 8.46 -12.07
CA LYS A 58 -12.07 8.29 -10.98
C LYS A 58 -12.22 9.52 -10.08
N GLU A 59 -11.16 10.00 -9.42
N GLU A 59 -11.16 9.95 -9.40
CA GLU A 59 -11.36 10.88 -8.28
CA GLU A 59 -11.34 10.87 -8.28
C GLU A 59 -10.11 11.70 -8.09
C GLU A 59 -10.10 11.70 -8.08
N ILE A 60 -10.26 12.94 -7.64
CA ILE A 60 -9.15 13.81 -7.22
C ILE A 60 -9.23 14.01 -5.71
N ILE A 61 -8.10 13.94 -5.02
N ILE A 61 -8.11 13.96 -5.03
CA ILE A 61 -8.05 13.80 -3.56
CA ILE A 61 -8.14 13.97 -3.56
C ILE A 61 -6.96 14.73 -3.03
C ILE A 61 -6.97 14.76 -3.03
N ASN A 62 -7.22 15.56 -2.01
CA ASN A 62 -6.21 16.29 -1.29
C ASN A 62 -5.67 15.40 -0.16
N VAL A 63 -4.40 15.04 -0.29
CA VAL A 63 -3.78 14.10 0.69
C VAL A 63 -2.88 14.88 1.67
N GLY A 64 -3.09 16.19 1.81
CA GLY A 64 -2.39 16.94 2.87
C GLY A 64 -1.08 17.52 2.43
N HIS A 65 -0.20 16.66 1.88
CA HIS A 65 1.06 17.12 1.39
C HIS A 65 1.04 17.31 -0.12
N SER A 66 0.01 16.83 -0.80
CA SER A 66 -0.08 16.87 -2.25
C SER A 66 -1.54 16.63 -2.59
N PHE A 67 -1.81 16.41 -3.90
CA PHE A 67 -3.09 15.92 -4.31
C PHE A 67 -2.86 14.83 -5.34
N HIS A 68 -3.82 13.92 -5.41
CA HIS A 68 -3.76 12.75 -6.29
C HIS A 68 -4.96 12.57 -7.21
N VAL A 69 -4.71 12.28 -8.49
CA VAL A 69 -5.82 11.92 -9.37
C VAL A 69 -5.77 10.39 -9.51
N ASN A 70 -6.77 9.71 -8.91
N ASN A 70 -6.75 9.69 -8.92
CA ASN A 70 -6.86 8.27 -8.93
CA ASN A 70 -6.80 8.24 -8.94
C ASN A 70 -7.64 7.75 -10.11
C ASN A 70 -7.65 7.72 -10.08
N PHE A 71 -7.24 6.57 -10.57
CA PHE A 71 -7.91 5.83 -11.62
C PHE A 71 -8.51 4.54 -11.10
N GLU A 72 -9.53 4.12 -11.78
N GLU A 72 -9.55 4.02 -11.70
CA GLU A 72 -10.20 2.92 -11.37
CA GLU A 72 -10.06 2.67 -11.31
C GLU A 72 -9.27 1.76 -11.30
C GLU A 72 -8.96 1.61 -11.57
N ASP A 73 -9.30 1.05 -10.16
N ASP A 73 -8.52 0.74 -10.64
CA ASP A 73 -8.22 0.06 -9.92
CA ASP A 73 -7.35 -0.13 -10.98
C ASP A 73 -8.86 -1.30 -9.89
C ASP A 73 -7.87 -1.61 -10.85
N ASN A 74 -9.20 -1.84 -10.95
CA ASN A 74 -10.02 -3.04 -11.05
C ASN A 74 -9.73 -3.99 -12.11
N ASP A 75 -9.12 -3.41 -13.09
CA ASP A 75 -8.79 -4.20 -14.30
C ASP A 75 -7.69 -3.52 -15.12
N ASN A 76 -7.33 -4.14 -16.25
CA ASN A 76 -6.25 -3.66 -17.10
C ASN A 76 -6.64 -2.77 -18.27
N ARG A 77 -7.67 -1.95 -18.10
CA ARG A 77 -8.12 -1.06 -19.17
C ARG A 77 -7.09 0.03 -19.52
N SER A 78 -6.23 0.38 -18.57
CA SER A 78 -5.21 1.40 -18.79
C SER A 78 -3.87 0.84 -18.37
N VAL A 79 -2.96 0.73 -19.32
CA VAL A 79 -1.68 0.09 -19.07
C VAL A 79 -0.53 0.86 -19.73
N LEU A 80 0.62 0.68 -19.09
CA LEU A 80 1.94 1.03 -19.59
C LEU A 80 2.63 -0.24 -20.02
N LYS A 81 3.28 -0.21 -21.17
CA LYS A 81 4.01 -1.39 -21.67
C LYS A 81 5.29 -0.87 -22.33
N GLY A 82 6.13 -1.84 -22.75
CA GLY A 82 7.34 -1.51 -23.44
C GLY A 82 8.43 -1.03 -22.54
N GLY A 83 9.32 -0.19 -23.11
CA GLY A 83 10.46 0.31 -22.33
C GLY A 83 11.30 -0.85 -21.80
N PRO A 84 11.60 -0.84 -20.49
CA PRO A 84 12.38 -1.93 -19.87
C PRO A 84 11.54 -3.06 -19.42
N PHE A 85 10.19 -3.02 -19.68
CA PHE A 85 9.27 -3.96 -19.03
C PHE A 85 8.98 -5.18 -19.90
N SER A 86 8.81 -6.33 -19.26
N SER A 86 8.81 -6.33 -19.22
CA SER A 86 8.24 -7.47 -19.99
CA SER A 86 8.30 -7.58 -19.84
C SER A 86 6.70 -7.51 -19.76
C SER A 86 6.84 -7.85 -19.46
N ASP A 87 6.29 -7.09 -18.54
CA ASP A 87 4.90 -7.14 -18.08
C ASP A 87 4.22 -5.78 -18.34
N SER A 88 2.91 -5.76 -18.67
CA SER A 88 2.18 -4.50 -18.58
C SER A 88 1.95 -4.06 -17.12
N TYR A 89 1.98 -2.77 -16.92
CA TYR A 89 1.71 -2.20 -15.58
C TYR A 89 0.40 -1.41 -15.68
N ARG A 90 -0.42 -1.52 -14.64
N ARG A 90 -0.43 -1.53 -14.65
CA ARG A 90 -1.74 -0.89 -14.60
CA ARG A 90 -1.72 -0.86 -14.65
C ARG A 90 -1.78 0.54 -14.03
C ARG A 90 -1.72 0.54 -14.07
N LEU A 91 -2.19 1.50 -14.85
CA LEU A 91 -2.29 2.88 -14.37
C LEU A 91 -3.09 2.95 -13.05
N PHE A 92 -2.54 3.68 -12.08
N PHE A 92 -2.61 3.67 -12.07
CA PHE A 92 -3.13 3.81 -10.74
CA PHE A 92 -3.54 3.85 -10.99
C PHE A 92 -3.49 5.26 -10.42
C PHE A 92 -3.63 5.31 -10.50
N GLN A 93 -2.53 6.18 -10.61
N GLN A 93 -2.63 6.19 -10.74
CA GLN A 93 -2.74 7.56 -10.24
CA GLN A 93 -2.81 7.55 -10.26
C GLN A 93 -1.78 8.45 -11.04
C GLN A 93 -1.76 8.45 -10.88
N PHE A 94 -2.05 9.76 -10.99
CA PHE A 94 -0.96 10.70 -11.27
C PHE A 94 -1.04 11.82 -10.26
N HIS A 95 0.11 12.51 -10.12
CA HIS A 95 0.23 13.66 -9.23
C HIS A 95 1.41 14.45 -9.62
N PHE A 96 1.67 15.55 -8.92
CA PHE A 96 2.77 16.47 -9.16
C PHE A 96 3.58 16.67 -7.93
N HIS A 97 4.80 17.15 -8.13
CA HIS A 97 5.61 17.80 -7.07
C HIS A 97 5.97 19.17 -7.54
N TRP A 98 6.12 20.07 -6.58
CA TRP A 98 6.52 21.46 -6.81
C TRP A 98 7.31 21.94 -5.65
N GLY A 99 7.93 23.13 -5.84
CA GLY A 99 8.81 23.68 -4.85
C GLY A 99 8.33 24.97 -4.35
N SER A 100 9.09 25.49 -3.34
N SER A 100 9.15 25.57 -3.44
CA SER A 100 8.69 26.77 -2.80
CA SER A 100 8.75 26.88 -2.86
C SER A 100 9.07 27.86 -3.76
C SER A 100 8.56 28.06 -3.89
N THR A 101 9.99 27.70 -4.68
N THR A 101 9.41 28.00 -4.84
CA THR A 101 10.29 28.71 -5.73
CA THR A 101 9.49 29.10 -5.84
C THR A 101 10.06 28.11 -7.13
C THR A 101 9.87 28.26 -7.11
N ASN A 102 9.87 28.96 -8.18
CA ASN A 102 9.96 28.40 -9.52
C ASN A 102 11.33 27.83 -9.76
N GLU A 103 12.35 28.24 -9.06
CA GLU A 103 13.72 27.81 -9.31
C GLU A 103 13.98 26.33 -9.10
N HIS A 104 13.21 25.69 -8.21
CA HIS A 104 13.40 24.27 -7.97
C HIS A 104 12.16 23.69 -7.43
N GLY A 105 11.44 22.98 -8.21
CA GLY A 105 10.27 22.23 -7.75
C GLY A 105 10.26 20.77 -8.23
N SER A 106 11.11 20.44 -9.23
CA SER A 106 11.19 19.04 -9.63
C SER A 106 11.87 18.21 -8.57
N GLU A 107 11.73 16.90 -8.74
CA GLU A 107 12.43 15.93 -7.89
C GLU A 107 13.70 15.50 -8.64
N HIS A 108 13.52 14.86 -9.80
CA HIS A 108 14.70 14.58 -10.63
C HIS A 108 15.31 15.89 -11.11
N THR A 109 16.61 15.79 -11.41
CA THR A 109 17.36 16.86 -12.08
C THR A 109 18.13 16.22 -13.20
N VAL A 110 18.53 17.04 -14.17
CA VAL A 110 19.24 16.51 -15.40
C VAL A 110 20.44 17.41 -15.52
N ASP A 111 21.63 16.82 -15.37
CA ASP A 111 22.91 17.60 -15.43
C ASP A 111 22.83 18.69 -14.39
N GLY A 112 22.25 18.45 -13.26
CA GLY A 112 22.15 19.44 -12.16
C GLY A 112 21.11 20.49 -12.38
N VAL A 113 20.40 20.48 -13.48
CA VAL A 113 19.39 21.52 -13.74
C VAL A 113 18.07 21.12 -13.05
N LYS A 114 17.58 22.05 -12.26
CA LYS A 114 16.33 21.91 -11.54
C LYS A 114 15.19 22.53 -12.30
N TYR A 115 14.11 21.78 -12.52
N TYR A 115 14.10 21.79 -12.36
CA TYR A 115 12.91 22.29 -13.16
CA TYR A 115 12.95 22.30 -13.08
C TYR A 115 11.92 22.80 -12.07
C TYR A 115 11.98 22.92 -12.09
N SER A 116 10.81 23.41 -12.49
N SER A 116 10.83 23.34 -12.58
CA SER A 116 9.91 24.06 -11.51
CA SER A 116 9.89 24.06 -11.72
C SER A 116 8.86 23.12 -11.00
C SER A 116 8.93 23.11 -11.01
N ALA A 117 8.66 21.94 -11.60
CA ALA A 117 7.70 20.97 -11.04
C ALA A 117 7.96 19.65 -11.74
N GLU A 118 7.25 18.61 -11.34
CA GLU A 118 7.41 17.30 -11.98
C GLU A 118 6.08 16.59 -11.89
N LEU A 119 5.70 15.95 -13.01
CA LEU A 119 4.53 15.09 -13.09
C LEU A 119 4.96 13.64 -12.90
N HIS A 120 4.22 12.88 -12.05
CA HIS A 120 4.42 11.46 -11.85
C HIS A 120 3.18 10.72 -12.26
N VAL A 121 3.31 9.78 -13.18
CA VAL A 121 2.18 8.92 -13.60
C VAL A 121 2.53 7.49 -13.11
N ALA A 122 1.78 7.00 -12.15
CA ALA A 122 2.19 5.80 -11.37
C ALA A 122 1.33 4.59 -11.78
N HIS A 123 2.02 3.44 -11.77
CA HIS A 123 1.42 2.17 -12.25
C HIS A 123 1.91 1.06 -11.34
N TRP A 124 1.16 -0.08 -11.30
CA TRP A 124 1.60 -1.22 -10.54
C TRP A 124 1.53 -2.48 -11.38
N ASN A 125 2.37 -3.48 -10.98
CA ASN A 125 2.54 -4.70 -11.79
C ASN A 125 1.38 -5.69 -11.53
N SER A 126 0.31 -5.55 -12.31
CA SER A 126 -0.86 -6.39 -12.17
C SER A 126 -0.69 -7.70 -12.95
N ALA A 127 0.45 -7.89 -13.67
CA ALA A 127 0.68 -9.17 -14.26
C ALA A 127 1.21 -10.12 -13.19
N LYS A 128 2.11 -9.70 -12.34
CA LYS A 128 2.74 -10.55 -11.32
C LYS A 128 2.02 -10.53 -10.04
N TYR A 129 1.34 -9.45 -9.67
CA TYR A 129 0.73 -9.29 -8.41
C TYR A 129 -0.72 -9.04 -8.56
N SER A 130 -1.49 -9.12 -7.43
CA SER A 130 -2.93 -9.02 -7.54
C SER A 130 -3.49 -7.81 -6.84
N SER A 131 -2.66 -6.94 -6.21
CA SER A 131 -3.18 -5.69 -5.65
C SER A 131 -1.96 -4.76 -5.61
N LEU A 132 -2.25 -3.49 -5.52
CA LEU A 132 -1.24 -2.49 -5.23
C LEU A 132 -0.58 -2.80 -3.91
N ALA A 133 -1.38 -3.24 -2.92
CA ALA A 133 -0.87 -3.51 -1.58
C ALA A 133 0.25 -4.53 -1.69
N GLU A 134 0.00 -5.60 -2.45
CA GLU A 134 1.02 -6.65 -2.66
C GLU A 134 2.24 -6.12 -3.45
N ALA A 135 1.97 -5.32 -4.52
CA ALA A 135 3.05 -4.90 -5.41
C ALA A 135 3.94 -3.83 -4.81
N ALA A 136 3.41 -3.00 -3.92
CA ALA A 136 4.08 -1.73 -3.65
C ALA A 136 5.42 -1.91 -2.97
N SER A 137 5.69 -3.03 -2.32
CA SER A 137 6.98 -3.27 -1.66
C SER A 137 7.89 -4.15 -2.45
N LYS A 138 7.52 -4.53 -3.69
N LYS A 138 7.52 -4.55 -3.69
CA LYS A 138 8.28 -5.50 -4.49
CA LYS A 138 8.29 -5.52 -4.49
C LYS A 138 9.23 -4.73 -5.42
C LYS A 138 9.24 -4.74 -5.41
N ALA A 139 10.44 -5.22 -5.66
CA ALA A 139 11.38 -4.49 -6.51
C ALA A 139 10.82 -4.25 -7.88
N ASP A 140 10.01 -5.13 -8.45
CA ASP A 140 9.42 -5.03 -9.72
C ASP A 140 7.98 -4.60 -9.65
N GLY A 141 7.55 -4.02 -8.51
CA GLY A 141 6.12 -3.81 -8.29
C GLY A 141 5.55 -2.59 -8.93
N LEU A 142 6.31 -1.46 -9.02
CA LEU A 142 5.75 -0.19 -9.45
C LEU A 142 6.54 0.38 -10.64
N ALA A 143 5.87 1.19 -11.43
CA ALA A 143 6.53 1.91 -12.56
C ALA A 143 5.99 3.32 -12.53
N VAL A 144 6.85 4.31 -12.60
CA VAL A 144 6.40 5.69 -12.57
C VAL A 144 7.08 6.40 -13.74
N ILE A 145 6.24 7.11 -14.52
CA ILE A 145 6.73 8.03 -15.55
C ILE A 145 6.88 9.38 -14.93
N GLY A 146 8.08 9.97 -15.01
CA GLY A 146 8.29 11.35 -14.57
C GLY A 146 8.50 12.27 -15.72
N VAL A 147 7.87 13.42 -15.66
CA VAL A 147 7.98 14.45 -16.67
C VAL A 147 8.40 15.75 -16.00
N LEU A 148 9.55 16.29 -16.37
N LEU A 148 9.53 16.30 -16.39
CA LEU A 148 9.99 17.59 -15.86
CA LEU A 148 10.00 17.55 -15.85
C LEU A 148 9.15 18.71 -16.45
C LEU A 148 9.16 18.71 -16.43
N MET A 149 8.85 19.69 -15.59
CA MET A 149 7.95 20.78 -15.99
C MET A 149 8.74 22.07 -15.92
N LYS A 150 8.92 22.70 -17.09
CA LYS A 150 9.77 23.89 -17.25
C LYS A 150 8.89 25.12 -17.21
N VAL A 151 9.19 26.07 -16.31
CA VAL A 151 8.33 27.26 -16.19
C VAL A 151 8.45 28.08 -17.47
N GLY A 152 7.29 28.56 -17.92
CA GLY A 152 7.26 29.32 -19.17
C GLY A 152 5.78 29.61 -19.49
N GLU A 153 5.39 29.27 -20.69
CA GLU A 153 3.99 29.52 -21.07
C GLU A 153 3.06 28.60 -20.30
N ALA A 154 1.83 29.07 -20.07
CA ALA A 154 0.81 28.24 -19.48
C ALA A 154 0.57 27.02 -20.33
N ASN A 155 0.33 25.91 -19.67
CA ASN A 155 0.12 24.63 -20.32
C ASN A 155 -1.39 24.35 -20.30
N PRO A 156 -2.08 24.44 -21.43
CA PRO A 156 -3.54 24.34 -21.35
C PRO A 156 -3.96 22.94 -21.01
N LYS A 157 -3.11 21.92 -21.26
N LYS A 157 -3.11 21.94 -21.20
CA LYS A 157 -3.37 20.52 -20.91
CA LYS A 157 -3.56 20.60 -20.93
C LYS A 157 -3.64 20.34 -19.42
C LYS A 157 -3.68 20.34 -19.41
N LEU A 158 -3.13 21.24 -18.58
CA LEU A 158 -3.35 21.18 -17.12
C LEU A 158 -4.71 21.71 -16.72
N GLN A 159 -5.51 22.28 -17.65
N GLN A 159 -5.47 22.37 -17.63
CA GLN A 159 -6.62 23.09 -17.11
CA GLN A 159 -6.68 23.13 -17.17
C GLN A 159 -7.69 22.25 -16.40
C GLN A 159 -7.68 22.25 -16.40
N LYS A 160 -8.00 21.04 -16.82
CA LYS A 160 -9.01 20.24 -16.13
C LYS A 160 -8.55 20.01 -14.73
N VAL A 161 -7.22 19.62 -14.56
CA VAL A 161 -6.73 19.39 -13.24
C VAL A 161 -6.81 20.64 -12.39
N LEU A 162 -6.33 21.78 -12.90
CA LEU A 162 -6.28 23.01 -12.10
C LEU A 162 -7.68 23.47 -11.78
N ASP A 163 -8.65 23.34 -12.66
CA ASP A 163 -9.99 23.78 -12.42
C ASP A 163 -10.62 22.93 -11.32
N ALA A 164 -10.16 21.68 -11.15
CA ALA A 164 -10.72 20.81 -10.18
C ALA A 164 -10.29 21.13 -8.74
N LEU A 165 -9.20 21.86 -8.57
CA LEU A 165 -8.59 22.05 -7.27
C LEU A 165 -9.51 22.80 -6.32
N GLN A 166 -10.37 23.71 -6.84
CA GLN A 166 -11.24 24.48 -5.98
C GLN A 166 -12.17 23.57 -5.19
N ALA A 167 -12.44 22.34 -5.60
CA ALA A 167 -13.32 21.48 -4.87
C ALA A 167 -12.60 20.60 -3.85
N ILE A 168 -11.27 20.67 -3.80
CA ILE A 168 -10.48 19.81 -2.87
C ILE A 168 -9.46 20.65 -2.10
N LYS A 169 -9.90 21.85 -1.60
CA LYS A 169 -8.99 22.81 -1.02
C LYS A 169 -8.21 22.36 0.18
N THR A 170 -8.87 21.57 1.00
CA THR A 170 -8.30 21.17 2.29
C THR A 170 -8.13 19.67 2.38
N LYS A 171 -7.30 19.27 3.35
CA LYS A 171 -6.86 17.85 3.52
C LYS A 171 -8.04 16.93 3.66
N GLY A 172 -8.06 15.90 2.87
CA GLY A 172 -9.07 14.84 2.93
C GLY A 172 -10.23 15.07 1.99
N LYS A 173 -10.39 16.29 1.44
CA LYS A 173 -11.47 16.51 0.48
C LYS A 173 -11.17 15.73 -0.80
N ARG A 174 -12.25 15.34 -1.45
CA ARG A 174 -12.14 14.58 -2.69
C ARG A 174 -13.35 14.89 -3.56
N ALA A 175 -13.23 14.61 -4.84
CA ALA A 175 -14.31 14.91 -5.80
C ALA A 175 -14.18 14.00 -6.98
N PRO A 176 -15.28 13.55 -7.61
N PRO A 176 -15.30 13.81 -7.72
CA PRO A 176 -15.11 12.77 -8.86
CA PRO A 176 -15.17 12.99 -8.94
C PRO A 176 -14.31 13.54 -9.90
C PRO A 176 -14.22 13.65 -9.91
N PHE A 177 -13.52 12.83 -10.69
CA PHE A 177 -12.67 13.37 -11.73
C PHE A 177 -12.70 12.32 -12.81
N THR A 178 -13.43 12.62 -13.89
CA THR A 178 -13.78 11.54 -14.88
C THR A 178 -13.39 11.93 -16.27
N ASN A 179 -13.39 10.90 -17.14
CA ASN A 179 -13.19 11.10 -18.56
C ASN A 179 -11.89 11.89 -18.86
N PHE A 180 -10.77 11.27 -18.51
CA PHE A 180 -9.45 11.98 -18.70
C PHE A 180 -8.40 10.95 -18.97
N ASP A 181 -7.67 11.15 -20.06
CA ASP A 181 -6.55 10.27 -20.42
C ASP A 181 -5.30 11.03 -20.08
N PRO A 182 -4.51 10.63 -19.05
CA PRO A 182 -3.38 11.43 -18.61
C PRO A 182 -2.20 11.36 -19.55
N SER A 183 -2.27 10.51 -20.61
CA SER A 183 -1.22 10.57 -21.60
C SER A 183 -1.25 11.88 -22.36
N THR A 184 -2.34 12.64 -22.29
CA THR A 184 -2.40 13.98 -22.84
C THR A 184 -1.42 14.93 -22.16
N LEU A 185 -0.97 14.61 -20.96
CA LEU A 185 -0.05 15.47 -20.21
C LEU A 185 1.42 15.17 -20.58
N LEU A 186 1.69 14.04 -21.25
CA LEU A 186 3.04 13.68 -21.58
C LEU A 186 3.56 14.50 -22.74
N PRO A 187 4.90 14.60 -22.89
CA PRO A 187 5.48 15.30 -24.05
C PRO A 187 5.18 14.53 -25.32
N SER A 188 5.40 15.21 -26.46
N SER A 188 5.42 15.17 -26.46
CA SER A 188 5.13 14.60 -27.77
CA SER A 188 5.12 14.58 -27.77
C SER A 188 5.92 13.33 -27.98
C SER A 188 5.93 13.28 -27.98
N SER A 189 7.19 13.35 -27.66
CA SER A 189 8.04 12.16 -27.75
C SER A 189 8.23 11.56 -26.39
N LEU A 190 8.29 10.24 -26.36
CA LEU A 190 8.46 9.47 -25.15
C LEU A 190 9.84 8.85 -25.04
N ASP A 191 10.87 9.46 -25.63
CA ASP A 191 12.25 9.08 -25.37
C ASP A 191 12.49 9.18 -23.86
N PHE A 192 13.26 8.29 -23.25
CA PHE A 192 13.32 8.26 -21.79
C PHE A 192 14.67 7.73 -21.29
N TRP A 193 14.90 8.03 -20.02
CA TRP A 193 15.88 7.37 -19.20
C TRP A 193 15.22 6.46 -18.21
N THR A 194 15.86 5.41 -17.77
CA THR A 194 15.26 4.54 -16.74
C THR A 194 16.33 4.12 -15.75
N TYR A 195 15.91 3.98 -14.49
CA TYR A 195 16.80 3.46 -13.46
C TYR A 195 15.92 2.84 -12.38
N PRO A 196 16.51 1.94 -11.57
CA PRO A 196 15.77 1.32 -10.45
C PRO A 196 15.82 2.24 -9.23
N GLY A 197 14.66 2.58 -8.69
CA GLY A 197 14.65 3.47 -7.56
C GLY A 197 13.50 3.20 -6.61
N SER A 198 12.95 4.29 -6.05
CA SER A 198 12.08 4.19 -4.92
C SER A 198 10.91 5.14 -5.03
N LEU A 199 9.86 4.93 -4.23
N LEU A 199 10.07 5.06 -4.02
CA LEU A 199 8.92 6.04 -3.99
CA LEU A 199 9.11 6.08 -3.74
C LEU A 199 9.76 7.22 -3.44
C LEU A 199 9.82 7.32 -3.27
N THR A 200 9.34 8.47 -3.70
CA THR A 200 10.09 9.66 -3.32
C THR A 200 9.63 10.28 -1.99
N HIS A 201 8.70 9.62 -1.29
CA HIS A 201 8.35 10.02 0.08
C HIS A 201 8.04 8.76 0.81
N PRO A 202 7.88 8.84 2.14
CA PRO A 202 7.55 7.68 2.96
C PRO A 202 6.30 6.99 2.40
N PRO A 203 6.34 5.64 2.31
CA PRO A 203 7.30 4.71 2.98
C PRO A 203 8.61 4.46 2.21
N LEU A 204 8.85 5.12 1.06
CA LEU A 204 10.21 5.10 0.46
C LEU A 204 10.63 3.69 -0.02
N TYR A 205 9.68 2.83 -0.31
CA TYR A 205 10.01 1.48 -0.76
C TYR A 205 10.81 1.54 -2.06
N GLU A 206 11.80 0.65 -2.16
CA GLU A 206 12.63 0.56 -3.33
C GLU A 206 12.00 -0.36 -4.36
N SER A 207 10.84 0.06 -4.87
CA SER A 207 9.97 -0.77 -5.68
C SER A 207 9.66 -0.17 -7.04
N VAL A 208 10.34 0.91 -7.39
CA VAL A 208 9.92 1.71 -8.57
C VAL A 208 10.92 1.57 -9.69
N THR A 209 10.45 1.20 -10.88
CA THR A 209 11.20 1.42 -12.14
C THR A 209 10.83 2.78 -12.62
N TRP A 210 11.76 3.72 -12.61
CA TRP A 210 11.52 5.09 -13.06
C TRP A 210 11.70 5.18 -14.55
N ILE A 211 10.77 5.89 -15.19
CA ILE A 211 10.86 6.21 -16.63
C ILE A 211 10.85 7.75 -16.68
N ILE A 212 11.98 8.39 -16.92
CA ILE A 212 12.05 9.84 -16.92
C ILE A 212 12.08 10.31 -18.33
N CYS A 213 11.10 11.08 -18.76
CA CYS A 213 11.09 11.58 -20.13
C CYS A 213 12.22 12.50 -20.38
N LYS A 214 12.81 12.40 -21.58
CA LYS A 214 13.84 13.35 -21.99
C LYS A 214 13.30 14.72 -22.31
N GLU A 215 12.06 14.78 -22.83
N GLU A 215 12.07 14.79 -22.78
CA GLU A 215 11.39 16.05 -23.17
CA GLU A 215 11.56 16.11 -23.07
C GLU A 215 10.58 16.59 -21.99
C GLU A 215 10.72 16.60 -21.89
N SER A 216 10.71 17.89 -21.70
CA SER A 216 9.89 18.52 -20.68
C SER A 216 8.57 18.95 -21.22
N ILE A 217 7.67 19.36 -20.31
CA ILE A 217 6.44 20.10 -20.71
C ILE A 217 6.47 21.40 -20.01
N SER A 218 5.67 22.38 -20.44
N SER A 218 5.54 22.27 -20.43
CA SER A 218 5.67 23.71 -19.81
CA SER A 218 5.50 23.63 -19.90
C SER A 218 4.65 23.76 -18.69
C SER A 218 4.60 23.72 -18.65
N VAL A 219 4.76 24.83 -17.92
CA VAL A 219 3.83 25.21 -16.88
C VAL A 219 4.06 26.69 -16.65
N SER A 220 3.02 27.48 -16.32
CA SER A 220 3.27 28.88 -16.05
C SER A 220 3.49 29.12 -14.55
N SER A 221 4.04 30.29 -14.25
N SER A 221 4.07 30.26 -14.22
CA SER A 221 4.23 30.69 -12.84
CA SER A 221 4.21 30.67 -12.81
C SER A 221 2.90 30.74 -12.09
C SER A 221 2.88 30.65 -12.10
N GLU A 222 1.82 31.13 -12.76
CA GLU A 222 0.51 31.21 -12.09
C GLU A 222 -0.07 29.83 -11.92
N GLN A 223 0.15 28.89 -12.84
CA GLN A 223 -0.32 27.53 -12.65
C GLN A 223 0.33 26.89 -11.43
N LEU A 224 1.67 27.13 -11.29
CA LEU A 224 2.36 26.62 -10.09
C LEU A 224 1.78 27.23 -8.82
N ALA A 225 1.41 28.52 -8.88
CA ALA A 225 0.82 29.15 -7.68
C ALA A 225 -0.48 28.48 -7.33
N GLN A 226 -1.23 27.96 -8.30
CA GLN A 226 -2.44 27.23 -7.96
C GLN A 226 -2.13 25.99 -7.17
N PHE A 227 -1.07 25.23 -7.53
CA PHE A 227 -0.70 24.10 -6.66
C PHE A 227 -0.39 24.53 -5.26
N ARG A 228 0.41 25.58 -5.13
CA ARG A 228 0.81 26.09 -3.82
C ARG A 228 -0.35 26.60 -2.96
N SER A 229 -1.44 26.96 -3.63
CA SER A 229 -2.63 27.49 -2.94
C SER A 229 -3.44 26.38 -2.34
N LEU A 230 -3.19 25.10 -2.67
CA LEU A 230 -3.84 24.04 -1.94
C LEU A 230 -3.44 24.06 -0.51
N LEU A 231 -4.32 23.57 0.36
CA LEU A 231 -4.08 23.75 1.82
C LEU A 231 -3.88 22.34 2.43
N SER A 232 -2.88 22.30 3.35
CA SER A 232 -2.50 21.06 4.03
C SER A 232 -3.33 20.78 5.27
N ASN A 233 -4.02 21.79 5.75
CA ASN A 233 -4.84 21.66 6.95
C ASN A 233 -6.19 21.10 6.61
N VAL A 234 -6.92 20.65 7.64
N VAL A 234 -6.90 20.57 7.62
CA VAL A 234 -8.29 20.28 7.42
CA VAL A 234 -8.29 20.16 7.49
C VAL A 234 -9.21 21.50 7.49
C VAL A 234 -9.20 21.43 7.52
N GLU A 235 -10.38 21.34 6.88
CA GLU A 235 -11.39 22.39 6.83
C GLU A 235 -11.60 22.96 8.26
N GLY A 236 -11.62 24.27 8.37
CA GLY A 236 -11.96 24.94 9.64
C GLY A 236 -10.73 25.34 10.33
N ASP A 237 -9.62 24.66 10.08
CA ASP A 237 -8.36 25.03 10.73
C ASP A 237 -7.63 26.14 9.95
N ASN A 238 -6.88 26.99 10.64
CA ASN A 238 -6.16 28.08 9.94
C ASN A 238 -5.46 27.52 8.66
N ALA A 239 -5.57 28.23 7.59
CA ALA A 239 -5.11 27.76 6.27
C ALA A 239 -3.60 27.72 6.25
N VAL A 240 -3.01 26.60 5.85
CA VAL A 240 -1.61 26.43 5.70
C VAL A 240 -1.34 25.95 4.24
N PRO A 241 -0.81 26.81 3.40
CA PRO A 241 -0.56 26.41 2.01
C PRO A 241 0.44 25.29 1.90
N MET A 242 0.28 24.48 0.84
CA MET A 242 1.18 23.39 0.49
C MET A 242 2.29 23.99 -0.33
N GLN A 243 3.31 24.55 0.31
N GLN A 243 3.30 24.55 0.32
CA GLN A 243 4.27 25.35 -0.44
CA GLN A 243 4.29 25.37 -0.35
C GLN A 243 5.24 24.51 -1.23
C GLN A 243 5.26 24.53 -1.19
N HIS A 244 5.53 23.26 -0.82
CA HIS A 244 6.49 22.44 -1.54
C HIS A 244 6.32 21.01 -1.13
N ASN A 245 6.78 20.09 -1.99
CA ASN A 245 6.67 18.67 -1.72
C ASN A 245 7.68 17.90 -2.53
N ASN A 246 8.84 18.49 -2.82
CA ASN A 246 9.86 17.82 -3.61
C ASN A 246 11.02 17.34 -2.72
N ARG A 247 11.42 16.11 -2.88
CA ARG A 247 12.54 15.53 -2.16
C ARG A 247 13.85 15.93 -2.87
N PRO A 248 14.98 16.21 -2.15
CA PRO A 248 16.27 16.37 -2.79
C PRO A 248 16.69 15.10 -3.53
N THR A 249 17.60 15.25 -4.48
CA THR A 249 18.20 14.05 -5.13
C THR A 249 19.08 13.28 -4.18
N GLN A 250 19.17 12.00 -4.44
CA GLN A 250 19.80 11.04 -3.55
C GLN A 250 20.95 10.34 -4.26
N PRO A 251 21.89 9.79 -3.48
N PRO A 251 21.81 9.68 -3.51
CA PRO A 251 23.10 9.18 -4.08
CA PRO A 251 23.04 9.22 -4.22
C PRO A 251 22.76 8.01 -5.07
C PRO A 251 22.77 7.98 -5.10
N LEU A 252 23.44 7.95 -6.23
CA LEU A 252 23.22 6.90 -7.22
C LEU A 252 23.68 5.53 -6.68
N LYS A 253 24.72 5.52 -5.85
CA LYS A 253 25.20 4.30 -5.26
C LYS A 253 25.47 3.21 -6.30
N GLY A 254 26.09 3.63 -7.39
CA GLY A 254 26.47 2.57 -8.35
C GLY A 254 25.44 2.15 -9.37
N ARG A 255 24.23 2.69 -9.28
CA ARG A 255 23.21 2.36 -10.26
C ARG A 255 23.59 2.95 -11.63
N THR A 256 23.12 2.34 -12.70
CA THR A 256 23.25 2.91 -14.01
C THR A 256 21.90 3.48 -14.48
N VAL A 257 21.93 4.66 -15.04
CA VAL A 257 20.77 5.23 -15.68
C VAL A 257 20.86 4.85 -17.16
N ARG A 258 19.88 4.09 -17.65
N ARG A 258 19.87 4.11 -17.66
CA ARG A 258 19.87 3.67 -19.05
CA ARG A 258 19.84 3.68 -19.04
C ARG A 258 19.07 4.63 -19.92
C ARG A 258 19.04 4.63 -19.92
N ALA A 259 19.58 4.89 -21.11
CA ALA A 259 18.96 5.74 -22.08
C ALA A 259 18.32 4.98 -23.19
N SER A 260 17.12 5.39 -23.60
N SER A 260 17.11 5.39 -23.58
CA SER A 260 16.39 4.69 -24.67
CA SER A 260 16.51 4.88 -24.83
C SER A 260 16.76 5.22 -26.05
C SER A 260 17.27 5.51 -26.04
N PHE A 261 17.57 6.27 -26.10
N PHE A 261 17.05 4.94 -27.22
CA PHE A 261 17.99 6.86 -27.37
CA PHE A 261 17.79 5.27 -28.38
C PHE A 261 19.51 6.98 -27.45
C PHE A 261 17.73 6.77 -28.67
N PRO B 4 11.80 -9.90 -0.90
CA PRO B 4 11.33 -10.56 0.32
C PRO B 4 11.56 -9.67 1.55
N ASP B 5 12.81 -9.63 1.98
CA ASP B 5 13.40 -8.92 3.09
C ASP B 5 12.87 -9.75 4.23
N TRP B 6 12.14 -9.06 5.08
CA TRP B 6 11.57 -9.69 6.26
C TRP B 6 10.86 -11.00 6.12
N GLY B 7 10.84 -11.78 7.21
CA GLY B 7 10.11 -13.07 7.30
C GLY B 7 9.88 -13.47 8.71
N TYR B 8 9.96 -14.75 9.01
CA TYR B 8 9.80 -15.28 10.32
C TYR B 8 10.98 -16.11 10.71
N ASP B 9 12.07 -16.17 9.97
CA ASP B 9 13.18 -16.96 10.46
C ASP B 9 14.09 -16.19 11.41
N ASP B 10 15.17 -16.85 11.84
CA ASP B 10 16.12 -16.25 12.77
C ASP B 10 16.94 -15.12 12.16
N LYS B 11 17.03 -15.07 10.84
CA LYS B 11 17.83 -14.00 10.18
C LYS B 11 16.88 -12.78 9.88
N ASN B 12 15.56 -12.98 9.79
CA ASN B 12 14.74 -11.90 9.24
C ASN B 12 13.40 -11.75 10.00
N GLY B 13 13.29 -12.38 11.16
CA GLY B 13 12.02 -12.54 11.82
C GLY B 13 11.64 -11.42 12.76
N PRO B 14 10.62 -11.60 13.60
CA PRO B 14 10.11 -10.60 14.44
C PRO B 14 11.15 -9.78 15.27
N GLU B 15 12.21 -10.42 15.74
CA GLU B 15 13.25 -9.71 16.51
C GLU B 15 14.13 -8.83 15.58
N GLN B 16 14.04 -9.00 14.27
CA GLN B 16 14.93 -8.37 13.32
C GLN B 16 14.18 -7.17 12.66
N TRP B 17 12.83 -7.17 12.77
CA TRP B 17 11.99 -6.22 12.02
C TRP B 17 12.31 -4.76 12.40
N SER B 18 12.66 -4.47 13.62
CA SER B 18 12.82 -3.12 14.02
C SER B 18 13.95 -2.41 13.34
N LYS B 19 14.88 -3.13 12.65
CA LYS B 19 15.98 -2.41 11.89
C LYS B 19 15.37 -1.50 10.77
N LEU B 20 14.43 -2.04 9.97
CA LEU B 20 13.84 -1.29 8.87
C LEU B 20 12.53 -0.77 9.24
N TYR B 21 11.92 -1.34 10.35
CA TYR B 21 10.61 -0.85 10.72
C TYR B 21 10.57 -0.44 12.16
N PRO B 22 11.20 0.72 12.52
N PRO B 22 10.96 0.84 12.47
CA PRO B 22 11.32 1.09 13.94
CA PRO B 22 11.17 1.18 13.90
C PRO B 22 9.95 1.18 14.66
C PRO B 22 9.90 1.17 14.70
N ILE B 23 8.79 1.30 13.99
CA ILE B 23 7.53 1.24 14.65
C ILE B 23 7.26 -0.13 15.32
N ALA B 24 8.08 -1.14 15.03
CA ALA B 24 7.99 -2.45 15.69
C ALA B 24 8.08 -2.26 17.18
N ASN B 25 8.72 -1.17 17.68
CA ASN B 25 8.86 -0.89 19.09
C ASN B 25 7.91 0.19 19.59
N GLY B 26 6.83 0.42 18.80
CA GLY B 26 5.85 1.46 19.09
C GLY B 26 4.91 1.20 20.24
N ASN B 27 3.96 2.15 20.40
CA ASN B 27 3.04 2.15 21.55
C ASN B 27 1.72 1.49 21.18
N ASN B 28 1.52 1.06 19.94
N ASN B 28 1.51 1.14 19.90
CA ASN B 28 0.25 0.44 19.59
CA ASN B 28 0.27 0.49 19.52
C ASN B 28 0.41 -0.83 18.79
C ASN B 28 0.53 -0.72 18.69
N GLN B 29 1.42 -1.61 19.15
CA GLN B 29 1.80 -2.80 18.40
C GLN B 29 0.87 -3.97 18.72
N SER B 30 0.67 -4.84 17.73
CA SER B 30 -0.15 -6.07 17.88
C SER B 30 0.68 -7.27 17.46
N PRO B 31 0.37 -8.48 17.92
CA PRO B 31 -0.78 -8.76 18.83
C PRO B 31 -0.43 -8.48 20.26
N VAL B 32 -1.41 -8.73 21.13
CA VAL B 32 -1.23 -8.50 22.61
C VAL B 32 -1.85 -9.72 23.27
N ASP B 33 -1.42 -9.86 24.56
CA ASP B 33 -2.11 -10.78 25.49
C ASP B 33 -3.28 -10.01 26.10
N ILE B 34 -4.45 -10.57 26.07
CA ILE B 34 -5.66 -9.99 26.66
C ILE B 34 -5.75 -10.58 28.05
N LYS B 35 -5.48 -9.75 29.04
CA LYS B 35 -5.55 -10.18 30.46
C LYS B 35 -6.94 -9.77 30.83
N THR B 36 -7.79 -10.76 31.07
CA THR B 36 -9.21 -10.47 31.22
C THR B 36 -9.56 -9.78 32.55
N SER B 37 -8.73 -9.87 33.57
CA SER B 37 -9.05 -9.12 34.79
C SER B 37 -8.85 -7.63 34.55
N GLU B 38 -8.28 -7.19 33.42
N GLU B 38 -8.22 -7.23 33.42
CA GLU B 38 -8.00 -5.77 33.19
CA GLU B 38 -7.87 -5.86 33.13
C GLU B 38 -8.83 -5.23 32.05
C GLU B 38 -8.75 -5.27 32.04
N THR B 39 -9.68 -6.02 31.44
CA THR B 39 -10.53 -5.46 30.43
C THR B 39 -11.57 -4.60 31.03
N LYS B 40 -12.14 -3.68 30.23
CA LYS B 40 -13.18 -2.82 30.68
C LYS B 40 -14.43 -3.10 29.82
N HIS B 41 -15.60 -3.42 30.48
CA HIS B 41 -16.87 -3.51 29.76
C HIS B 41 -17.30 -2.13 29.37
N ASP B 42 -17.57 -2.04 28.06
CA ASP B 42 -17.95 -0.76 27.50
C ASP B 42 -19.39 -0.86 26.98
N THR B 43 -20.37 -0.27 27.68
CA THR B 43 -21.76 -0.41 27.24
C THR B 43 -22.09 0.36 25.98
N SER B 44 -21.21 1.23 25.49
CA SER B 44 -21.55 1.96 24.25
C SER B 44 -21.18 1.09 23.02
N LEU B 45 -20.41 -0.01 23.23
CA LEU B 45 -20.13 -0.84 22.05
C LEU B 45 -21.40 -1.49 21.56
N LYS B 46 -21.54 -1.52 20.29
CA LYS B 46 -22.71 -2.13 19.60
C LYS B 46 -22.33 -3.52 19.18
N PRO B 47 -23.35 -4.38 18.86
CA PRO B 47 -22.95 -5.68 18.29
C PRO B 47 -22.27 -5.51 16.98
N ILE B 48 -21.38 -6.48 16.71
CA ILE B 48 -20.71 -6.53 15.38
C ILE B 48 -21.71 -6.99 14.38
N SER B 49 -21.71 -6.32 13.23
CA SER B 49 -22.58 -6.72 12.07
C SER B 49 -21.65 -7.07 10.89
N VAL B 50 -21.71 -8.31 10.37
CA VAL B 50 -20.99 -8.62 9.17
C VAL B 50 -22.01 -8.98 8.13
N SER B 51 -21.81 -8.49 6.91
CA SER B 51 -22.71 -8.89 5.79
C SER B 51 -21.84 -9.01 4.56
N TYR B 52 -21.47 -10.25 4.23
CA TYR B 52 -20.52 -10.49 3.14
C TYR B 52 -21.20 -11.18 2.00
N ASN B 53 -20.95 -10.73 0.79
CA ASN B 53 -21.61 -11.37 -0.38
C ASN B 53 -20.64 -12.39 -0.93
N PRO B 54 -21.00 -13.69 -1.02
CA PRO B 54 -20.04 -14.71 -1.48
C PRO B 54 -19.50 -14.41 -2.86
N ALA B 55 -20.25 -13.65 -3.69
CA ALA B 55 -19.73 -13.37 -5.05
C ALA B 55 -18.56 -12.45 -5.03
N THR B 56 -18.21 -11.82 -3.89
CA THR B 56 -17.03 -11.01 -3.84
C THR B 56 -15.72 -11.80 -3.69
N ALA B 57 -15.82 -13.10 -3.32
CA ALA B 57 -14.54 -13.87 -3.22
C ALA B 57 -13.87 -13.85 -4.62
N LYS B 58 -12.55 -13.59 -4.67
N LYS B 58 -12.55 -13.67 -4.61
CA LYS B 58 -11.90 -13.73 -6.04
CA LYS B 58 -11.82 -13.50 -5.90
C LYS B 58 -10.72 -14.62 -6.10
C LYS B 58 -10.71 -14.54 -6.08
N GLU B 59 -9.74 -14.62 -5.17
CA GLU B 59 -8.47 -15.26 -5.49
C GLU B 59 -7.81 -15.75 -4.23
N ILE B 60 -7.05 -16.82 -4.32
CA ILE B 60 -6.22 -17.30 -3.22
C ILE B 60 -4.76 -17.21 -3.70
N ILE B 61 -3.86 -16.73 -2.87
CA ILE B 61 -2.51 -16.38 -3.24
C ILE B 61 -1.52 -16.86 -2.21
N ASN B 62 -0.42 -17.50 -2.66
CA ASN B 62 0.69 -17.81 -1.78
C ASN B 62 1.65 -16.62 -1.77
N VAL B 63 1.74 -15.96 -0.62
CA VAL B 63 2.60 -14.75 -0.45
C VAL B 63 3.90 -15.08 0.21
N GLY B 64 4.31 -16.37 0.24
CA GLY B 64 5.64 -16.69 0.68
C GLY B 64 5.73 -16.99 2.16
N HIS B 65 5.18 -16.10 2.99
CA HIS B 65 5.13 -16.31 4.44
C HIS B 65 3.76 -16.78 4.91
N SER B 66 2.77 -16.73 4.02
CA SER B 66 1.41 -17.05 4.34
C SER B 66 0.66 -17.26 3.04
N PHE B 67 -0.68 -17.35 3.13
CA PHE B 67 -1.55 -17.29 1.96
C PHE B 67 -2.71 -16.40 2.30
N HIS B 68 -3.26 -15.75 1.28
CA HIS B 68 -4.38 -14.85 1.46
C HIS B 68 -5.51 -15.19 0.52
N VAL B 69 -6.73 -14.96 0.97
CA VAL B 69 -7.91 -15.05 0.17
C VAL B 69 -8.43 -13.60 0.00
N ASN B 70 -8.36 -13.10 -1.24
CA ASN B 70 -8.75 -11.75 -1.54
C ASN B 70 -10.17 -11.69 -2.05
N PHE B 71 -10.80 -10.54 -1.76
CA PHE B 71 -12.20 -10.23 -2.18
C PHE B 71 -12.19 -9.00 -3.05
N GLU B 72 -13.14 -8.96 -4.00
CA GLU B 72 -13.37 -7.73 -4.75
C GLU B 72 -13.81 -6.63 -3.72
N ASP B 73 -13.22 -5.44 -3.82
CA ASP B 73 -13.47 -4.39 -2.83
C ASP B 73 -13.80 -3.09 -3.56
N ASN B 74 -14.44 -3.18 -4.75
CA ASN B 74 -14.77 -1.96 -5.45
C ASN B 74 -15.99 -1.31 -4.96
N ASP B 75 -16.81 -1.99 -4.19
CA ASP B 75 -18.04 -1.46 -3.65
C ASP B 75 -18.29 -2.03 -2.31
N ASN B 76 -19.46 -1.75 -1.76
CA ASN B 76 -19.89 -2.16 -0.40
C ASN B 76 -20.76 -3.40 -0.37
N ARG B 77 -20.53 -4.32 -1.30
CA ARG B 77 -21.26 -5.60 -1.22
C ARG B 77 -20.92 -6.35 0.10
N SER B 78 -19.69 -6.22 0.62
CA SER B 78 -19.28 -6.99 1.80
C SER B 78 -18.65 -6.03 2.81
N VAL B 79 -19.35 -5.85 3.94
CA VAL B 79 -18.96 -4.82 4.90
C VAL B 79 -19.12 -5.36 6.35
N LEU B 80 -18.34 -4.70 7.17
CA LEU B 80 -18.38 -4.84 8.64
C LEU B 80 -18.87 -3.51 9.19
N LYS B 81 -19.77 -3.58 10.17
CA LYS B 81 -20.27 -2.35 10.87
C LYS B 81 -20.52 -2.67 12.29
N GLY B 82 -20.82 -1.66 13.09
CA GLY B 82 -21.16 -1.95 14.47
C GLY B 82 -19.89 -1.96 15.37
N GLY B 83 -19.99 -2.65 16.54
CA GLY B 83 -18.91 -2.67 17.42
C GLY B 83 -18.53 -1.24 17.85
N PRO B 84 -17.20 -0.91 17.79
CA PRO B 84 -16.68 0.41 18.11
C PRO B 84 -16.87 1.37 17.00
N PHE B 85 -17.36 0.91 15.81
CA PHE B 85 -17.29 1.71 14.60
C PHE B 85 -18.43 2.63 14.44
N SER B 86 -18.15 3.80 13.83
CA SER B 86 -19.27 4.60 13.31
C SER B 86 -19.33 4.50 11.81
N ASP B 87 -18.31 4.01 11.14
CA ASP B 87 -18.16 3.93 9.65
C ASP B 87 -18.32 2.47 9.27
N SER B 88 -18.55 2.27 7.99
CA SER B 88 -18.65 0.96 7.41
C SER B 88 -17.26 0.55 6.86
N TYR B 89 -16.76 -0.63 7.22
CA TYR B 89 -15.44 -1.11 6.78
C TYR B 89 -15.66 -2.19 5.70
N ARG B 90 -14.94 -2.08 4.59
CA ARG B 90 -15.14 -2.99 3.44
C ARG B 90 -14.17 -4.17 3.56
N LEU B 91 -14.75 -5.37 3.40
CA LEU B 91 -13.94 -6.59 3.41
C LEU B 91 -12.91 -6.53 2.30
N PHE B 92 -11.65 -6.82 2.64
N PHE B 92 -11.73 -7.02 2.54
CA PHE B 92 -10.48 -6.91 1.67
CA PHE B 92 -10.83 -7.20 1.39
C PHE B 92 -10.04 -8.34 1.50
C PHE B 92 -10.03 -8.48 1.39
N GLN B 93 -9.91 -9.10 2.60
N GLN B 93 -9.62 -9.07 2.55
CA GLN B 93 -9.21 -10.36 2.50
CA GLN B 93 -9.05 -10.38 2.53
C GLN B 93 -9.32 -11.10 3.86
C GLN B 93 -9.23 -11.08 3.87
N PHE B 94 -9.07 -12.40 3.83
CA PHE B 94 -8.81 -13.09 5.11
C PHE B 94 -7.57 -13.95 4.92
N HIS B 95 -7.01 -14.33 6.07
CA HIS B 95 -5.81 -15.20 6.12
C HIS B 95 -5.70 -15.78 7.52
N PHE B 96 -4.69 -16.60 7.72
CA PHE B 96 -4.43 -17.27 8.98
C PHE B 96 -3.01 -17.04 9.42
N HIS B 97 -2.78 -17.22 10.71
CA HIS B 97 -1.44 -17.41 11.26
C HIS B 97 -1.43 -18.75 11.99
N TRP B 98 -0.27 -19.38 12.03
CA TRP B 98 -0.14 -20.63 12.73
C TRP B 98 1.30 -20.71 13.26
N GLY B 99 1.53 -21.76 14.07
CA GLY B 99 2.82 -21.94 14.67
C GLY B 99 3.48 -23.21 14.30
N SER B 100 4.67 -23.46 14.83
CA SER B 100 5.38 -24.69 14.41
C SER B 100 4.82 -25.97 15.01
N THR B 101 4.11 -25.87 16.05
CA THR B 101 3.47 -27.16 16.58
C THR B 101 2.13 -26.64 17.22
N ASN B 102 1.29 -27.54 17.63
CA ASN B 102 -0.06 -27.19 18.05
C ASN B 102 -0.05 -26.30 19.32
N GLU B 103 1.02 -26.30 20.06
CA GLU B 103 0.94 -25.57 21.34
C GLU B 103 0.96 -24.07 21.27
N HIS B 104 1.32 -23.59 20.11
N HIS B 104 1.43 -23.46 20.17
CA HIS B 104 1.36 -22.16 19.88
CA HIS B 104 1.37 -21.96 19.98
C HIS B 104 1.16 -21.88 18.40
C HIS B 104 1.38 -21.62 18.48
N GLY B 105 0.46 -20.80 18.07
CA GLY B 105 0.29 -20.47 16.68
C GLY B 105 -0.95 -19.64 16.66
N SER B 106 -1.04 -18.71 17.60
CA SER B 106 -2.17 -17.83 17.52
C SER B 106 -1.24 -16.63 17.69
N GLU B 107 -1.74 -15.45 17.31
CA GLU B 107 -1.00 -14.22 17.53
C GLU B 107 -1.45 -13.64 18.86
N HIS B 108 -2.74 -13.33 18.98
CA HIS B 108 -3.28 -12.93 20.33
C HIS B 108 -3.27 -14.12 21.25
N THR B 109 -3.16 -13.80 22.53
CA THR B 109 -3.34 -14.80 23.58
C THR B 109 -4.37 -14.21 24.56
N VAL B 110 -4.95 -15.10 25.36
CA VAL B 110 -5.94 -14.66 26.37
C VAL B 110 -5.49 -15.21 27.69
N ASP B 111 -5.26 -14.34 28.65
CA ASP B 111 -4.77 -14.78 29.94
C ASP B 111 -3.55 -15.69 29.78
N GLY B 112 -2.65 -15.39 28.81
CA GLY B 112 -1.43 -16.14 28.58
C GLY B 112 -1.66 -17.43 27.86
N VAL B 113 -2.91 -17.79 27.54
CA VAL B 113 -3.17 -19.05 26.84
C VAL B 113 -2.93 -18.87 25.32
N LYS B 114 -2.10 -19.69 24.75
CA LYS B 114 -1.82 -19.65 23.33
C LYS B 114 -2.65 -20.71 22.62
N TYR B 115 -3.27 -20.31 21.53
CA TYR B 115 -4.07 -21.19 20.71
C TYR B 115 -3.20 -21.68 19.52
N SER B 116 -3.80 -22.53 18.67
N SER B 116 -3.77 -22.59 18.71
CA SER B 116 -2.99 -23.17 17.66
CA SER B 116 -2.98 -23.23 17.68
C SER B 116 -2.86 -22.40 16.40
C SER B 116 -2.89 -22.45 16.39
N ALA B 117 -3.81 -21.50 16.16
CA ALA B 117 -3.79 -20.68 14.93
C ALA B 117 -4.74 -19.52 15.17
N GLU B 118 -4.79 -18.64 14.20
CA GLU B 118 -5.68 -17.49 14.30
C GLU B 118 -6.15 -17.09 12.90
N LEU B 119 -7.45 -16.81 12.78
CA LEU B 119 -8.03 -16.29 11.53
C LEU B 119 -8.10 -14.78 11.65
N HIS B 120 -7.69 -14.09 10.58
CA HIS B 120 -7.84 -12.62 10.46
C HIS B 120 -8.72 -12.30 9.29
N VAL B 121 -9.77 -11.54 9.53
CA VAL B 121 -10.68 -11.09 8.42
C VAL B 121 -10.49 -9.55 8.40
N ALA B 122 -9.90 -9.06 7.32
CA ALA B 122 -9.38 -7.68 7.28
C ALA B 122 -10.24 -6.81 6.39
N HIS B 123 -10.40 -5.54 6.84
CA HIS B 123 -11.31 -4.61 6.21
C HIS B 123 -10.63 -3.22 6.19
N TRP B 124 -11.10 -2.33 5.28
CA TRP B 124 -10.57 -0.97 5.25
C TRP B 124 -11.70 0.06 5.29
N ASN B 125 -11.40 1.27 5.75
CA ASN B 125 -12.42 2.24 5.97
C ASN B 125 -12.75 3.00 4.66
N SER B 126 -13.78 2.50 3.97
CA SER B 126 -14.14 3.11 2.68
C SER B 126 -15.18 4.27 2.91
N ALA B 127 -15.56 4.54 4.16
CA ALA B 127 -16.35 5.82 4.48
C ALA B 127 -15.40 7.00 4.39
N LYS B 128 -14.19 6.86 4.90
CA LYS B 128 -13.22 7.96 5.01
C LYS B 128 -12.22 8.02 3.85
N TYR B 129 -11.80 6.87 3.31
CA TYR B 129 -10.66 6.83 2.36
C TYR B 129 -11.20 6.17 1.13
N SER B 130 -10.40 6.26 0.09
CA SER B 130 -10.84 5.76 -1.20
C SER B 130 -10.05 4.55 -1.71
N SER B 131 -9.09 4.04 -0.95
CA SER B 131 -8.27 2.91 -1.43
C SER B 131 -7.76 2.27 -0.10
N LEU B 132 -7.45 1.02 -0.16
CA LEU B 132 -6.66 0.39 0.85
C LEU B 132 -5.32 1.08 1.06
N ALA B 133 -4.65 1.44 -0.06
CA ALA B 133 -3.36 2.12 0.09
C ALA B 133 -3.47 3.41 0.87
N GLU B 134 -4.55 4.18 0.66
CA GLU B 134 -4.76 5.41 1.44
C GLU B 134 -5.12 5.07 2.95
N ALA B 135 -5.92 4.06 3.15
CA ALA B 135 -6.34 3.74 4.51
C ALA B 135 -5.26 3.08 5.36
N ALA B 136 -4.37 2.32 4.78
CA ALA B 136 -3.60 1.35 5.55
C ALA B 136 -2.66 2.03 6.54
N SER B 137 -2.31 3.30 6.38
CA SER B 137 -1.33 3.97 7.28
C SER B 137 -2.04 4.90 8.21
N LYS B 138 -3.43 4.92 8.23
CA LYS B 138 -4.26 5.86 9.03
C LYS B 138 -4.69 5.14 10.32
N ALA B 139 -4.82 5.91 11.43
CA ALA B 139 -5.15 5.27 12.70
C ALA B 139 -6.50 4.60 12.68
N ASP B 140 -7.47 5.19 11.91
CA ASP B 140 -8.77 4.67 11.76
C ASP B 140 -8.94 3.90 10.43
N GLY B 141 -7.86 3.49 9.81
CA GLY B 141 -7.94 3.00 8.43
C GLY B 141 -8.44 1.55 8.31
N LEU B 142 -8.07 0.67 9.25
CA LEU B 142 -8.23 -0.81 9.07
C LEU B 142 -9.00 -1.36 10.23
N ALA B 143 -9.76 -2.43 9.99
CA ALA B 143 -10.42 -3.20 11.05
C ALA B 143 -10.18 -4.65 10.73
N VAL B 144 -9.71 -5.38 11.76
CA VAL B 144 -9.44 -6.81 11.54
C VAL B 144 -10.18 -7.57 12.65
N ILE B 145 -10.99 -8.58 12.25
CA ILE B 145 -11.53 -9.53 13.18
C ILE B 145 -10.57 -10.65 13.34
N GLY B 146 -10.20 -10.94 14.60
CA GLY B 146 -9.36 -12.10 14.95
C GLY B 146 -10.14 -13.14 15.63
N VAL B 147 -9.96 -14.40 15.20
CA VAL B 147 -10.64 -15.55 15.78
C VAL B 147 -9.59 -16.53 16.17
N LEU B 148 -9.50 -16.86 17.47
CA LEU B 148 -8.57 -17.87 17.95
C LEU B 148 -9.01 -19.24 17.51
N MET B 149 -8.06 -20.08 17.08
CA MET B 149 -8.39 -21.42 16.57
C MET B 149 -7.77 -22.45 17.51
N LYS B 150 -8.65 -23.23 18.12
CA LYS B 150 -8.31 -24.18 19.17
C LYS B 150 -8.24 -25.58 18.57
N VAL B 151 -7.07 -26.25 18.73
CA VAL B 151 -6.92 -27.59 18.17
C VAL B 151 -7.93 -28.52 18.77
N GLY B 152 -8.58 -29.33 17.94
CA GLY B 152 -9.59 -30.23 18.38
C GLY B 152 -10.20 -30.90 17.15
N GLU B 153 -11.50 -30.93 17.04
CA GLU B 153 -12.15 -31.64 15.92
C GLU B 153 -11.90 -30.85 14.63
N ALA B 154 -11.84 -31.56 13.54
CA ALA B 154 -11.71 -30.92 12.24
C ALA B 154 -12.87 -29.93 12.03
N ASN B 155 -12.57 -28.82 11.40
CA ASN B 155 -13.57 -27.78 11.14
C ASN B 155 -14.00 -27.90 9.68
N PRO B 156 -15.22 -28.36 9.38
CA PRO B 156 -15.59 -28.58 7.95
C PRO B 156 -15.73 -27.27 7.25
N LYS B 157 -15.87 -26.14 7.91
CA LYS B 157 -16.06 -24.88 7.20
C LYS B 157 -14.72 -24.45 6.61
N LEU B 158 -13.60 -25.01 7.01
CA LEU B 158 -12.29 -24.78 6.33
C LEU B 158 -12.18 -25.54 4.99
N GLN B 159 -13.09 -26.41 4.62
CA GLN B 159 -12.73 -27.37 3.56
C GLN B 159 -12.43 -26.66 2.18
N LYS B 160 -13.17 -25.64 1.80
CA LYS B 160 -12.94 -25.06 0.51
C LYS B 160 -11.53 -24.50 0.53
N VAL B 161 -11.15 -23.78 1.67
CA VAL B 161 -9.91 -23.15 1.76
C VAL B 161 -8.81 -24.15 1.67
N LEU B 162 -8.89 -25.24 2.48
CA LEU B 162 -7.80 -26.21 2.50
C LEU B 162 -7.72 -26.97 1.17
N ASP B 163 -8.84 -27.22 0.52
CA ASP B 163 -8.83 -27.92 -0.75
C ASP B 163 -8.14 -27.09 -1.83
N ALA B 164 -8.10 -25.76 -1.67
CA ALA B 164 -7.51 -24.88 -2.67
C ALA B 164 -5.99 -24.84 -2.57
N LEU B 165 -5.42 -25.20 -1.42
CA LEU B 165 -4.01 -24.99 -1.21
C LEU B 165 -3.13 -25.75 -2.18
N GLN B 166 -3.62 -26.94 -2.66
CA GLN B 166 -2.81 -27.71 -3.60
C GLN B 166 -2.55 -26.94 -4.90
N ALA B 167 -3.34 -25.90 -5.20
CA ALA B 167 -3.15 -25.13 -6.41
C ALA B 167 -2.18 -23.96 -6.20
N ILE B 168 -1.76 -23.70 -4.97
CA ILE B 168 -0.93 -22.51 -4.67
C ILE B 168 0.22 -22.92 -3.77
N LYS B 169 0.77 -24.09 -4.05
CA LYS B 169 1.84 -24.68 -3.21
C LYS B 169 3.14 -23.90 -2.98
N THR B 170 3.53 -23.05 -3.92
CA THR B 170 4.78 -22.30 -3.84
C THR B 170 4.54 -20.81 -4.00
N LYS B 171 5.54 -20.04 -3.58
N LYS B 171 5.54 -20.06 -3.55
CA LYS B 171 5.43 -18.57 -3.50
CA LYS B 171 5.43 -18.60 -3.48
C LYS B 171 5.05 -17.97 -4.82
C LYS B 171 5.05 -17.99 -4.80
N GLY B 172 4.07 -17.10 -4.78
CA GLY B 172 3.61 -16.33 -5.95
C GLY B 172 2.51 -17.02 -6.69
N LYS B 173 2.28 -18.34 -6.50
CA LYS B 173 1.16 -18.98 -7.19
C LYS B 173 -0.16 -18.37 -6.67
N ARG B 174 -1.12 -18.32 -7.55
CA ARG B 174 -2.44 -17.79 -7.24
C ARG B 174 -3.45 -18.50 -8.10
N ALA B 175 -4.70 -18.57 -7.60
CA ALA B 175 -5.75 -19.25 -8.31
C ALA B 175 -7.10 -18.61 -8.01
N PRO B 176 -8.05 -18.73 -8.92
CA PRO B 176 -9.35 -18.21 -8.61
C PRO B 176 -9.99 -18.92 -7.39
N PHE B 177 -10.71 -18.16 -6.60
CA PHE B 177 -11.32 -18.67 -5.38
C PHE B 177 -12.61 -17.87 -5.23
N THR B 178 -13.75 -18.49 -5.56
CA THR B 178 -14.99 -17.78 -5.71
C THR B 178 -16.12 -18.36 -4.89
N ASN B 179 -17.21 -17.56 -4.78
CA ASN B 179 -18.42 -18.03 -4.15
C ASN B 179 -18.16 -18.50 -2.69
N PHE B 180 -17.70 -17.61 -1.85
CA PHE B 180 -17.34 -18.01 -0.49
C PHE B 180 -17.60 -16.83 0.41
N ASP B 181 -18.36 -17.06 1.49
CA ASP B 181 -18.70 -16.01 2.49
C ASP B 181 -17.91 -16.34 3.75
N PRO B 182 -16.91 -15.56 4.12
CA PRO B 182 -16.04 -15.94 5.29
C PRO B 182 -16.73 -15.70 6.61
N SER B 183 -17.93 -15.12 6.61
CA SER B 183 -18.65 -15.05 7.90
C SER B 183 -19.00 -16.46 8.32
N THR B 184 -18.98 -17.46 7.43
CA THR B 184 -19.23 -18.84 7.84
C THR B 184 -18.10 -19.41 8.70
N LEU B 185 -16.95 -18.74 8.74
CA LEU B 185 -15.83 -19.16 9.58
C LEU B 185 -15.88 -18.60 10.97
N LEU B 186 -16.73 -17.58 11.19
CA LEU B 186 -16.73 -16.91 12.52
C LEU B 186 -17.48 -17.79 13.53
N PRO B 187 -17.20 -17.59 14.80
CA PRO B 187 -17.89 -18.39 15.87
C PRO B 187 -19.34 -17.94 15.95
N SER B 188 -20.12 -18.72 16.70
N SER B 188 -20.08 -18.69 16.72
CA SER B 188 -21.60 -18.50 16.88
CA SER B 188 -21.54 -18.47 16.82
C SER B 188 -21.80 -17.19 17.65
C SER B 188 -21.89 -17.28 17.75
N SER B 189 -21.08 -16.99 18.74
CA SER B 189 -21.17 -15.72 19.52
C SER B 189 -20.19 -14.72 18.79
N LEU B 190 -20.63 -13.55 18.64
CA LEU B 190 -19.71 -12.46 18.20
C LEU B 190 -19.47 -11.48 19.41
N ASP B 191 -19.52 -11.99 20.66
CA ASP B 191 -19.02 -11.16 21.77
C ASP B 191 -17.53 -10.90 21.36
N PHE B 192 -16.92 -9.80 21.81
CA PHE B 192 -15.58 -9.47 21.38
C PHE B 192 -14.87 -8.58 22.37
N TRP B 193 -13.57 -8.57 22.25
CA TRP B 193 -12.70 -7.54 22.81
C TRP B 193 -12.21 -6.61 21.71
N THR B 194 -11.94 -5.36 22.04
CA THR B 194 -11.41 -4.44 21.04
C THR B 194 -10.30 -3.63 21.61
N TYR B 195 -9.27 -3.30 20.83
CA TYR B 195 -8.19 -2.41 21.26
C TYR B 195 -7.58 -1.79 20.01
N PRO B 196 -6.90 -0.64 20.17
CA PRO B 196 -6.16 -0.05 19.03
C PRO B 196 -4.81 -0.67 18.88
N GLY B 197 -4.50 -1.12 17.64
CA GLY B 197 -3.19 -1.78 17.42
C GLY B 197 -2.74 -1.60 16.03
N SER B 198 -2.08 -2.66 15.55
CA SER B 198 -1.27 -2.51 14.36
C SER B 198 -1.44 -3.74 13.46
N LEU B 199 -0.91 -3.63 12.23
CA LEU B 199 -0.69 -4.83 11.43
C LEU B 199 0.36 -5.66 12.25
N THR B 200 0.26 -6.99 12.16
CA THR B 200 1.11 -7.86 12.90
C THR B 200 2.39 -8.30 12.23
N HIS B 201 2.65 -7.79 11.00
CA HIS B 201 3.96 -7.98 10.36
C HIS B 201 4.24 -6.70 9.59
N PRO B 202 5.45 -6.57 9.06
CA PRO B 202 5.84 -5.36 8.33
C PRO B 202 4.77 -5.06 7.26
N PRO B 203 4.29 -3.82 7.09
CA PRO B 203 4.94 -2.60 7.64
C PRO B 203 4.53 -2.24 9.02
N LEU B 204 3.67 -3.02 9.73
CA LEU B 204 3.52 -2.79 11.17
C LEU B 204 2.77 -1.49 11.43
N TYR B 205 2.03 -0.90 10.47
CA TYR B 205 1.38 0.37 10.69
C TYR B 205 0.39 0.22 11.84
N GLU B 206 0.29 1.31 12.65
CA GLU B 206 -0.58 1.36 13.80
C GLU B 206 -1.91 1.87 13.35
N SER B 207 -2.60 1.10 12.49
CA SER B 207 -3.75 1.53 11.76
C SER B 207 -5.00 0.66 12.01
N VAL B 208 -4.86 -0.34 12.94
CA VAL B 208 -5.86 -1.39 13.03
C VAL B 208 -6.68 -1.27 14.28
N THR B 209 -8.03 -1.25 14.14
CA THR B 209 -8.90 -1.51 15.28
C THR B 209 -9.16 -3.00 15.27
N TRP B 210 -8.67 -3.67 16.33
CA TRP B 210 -8.78 -5.10 16.45
C TRP B 210 -10.10 -5.44 17.12
N ILE B 211 -10.76 -6.49 16.59
CA ILE B 211 -12.02 -7.12 17.08
C ILE B 211 -11.64 -8.55 17.33
N ILE B 212 -11.40 -8.95 18.61
CA ILE B 212 -10.99 -10.31 18.94
C ILE B 212 -12.18 -11.06 19.46
N CYS B 213 -12.62 -12.11 18.81
CA CYS B 213 -13.81 -12.83 19.29
C CYS B 213 -13.49 -13.58 20.59
N LYS B 214 -14.47 -13.57 21.50
CA LYS B 214 -14.31 -14.30 22.74
C LYS B 214 -14.35 -15.82 22.52
N GLU B 215 -15.15 -16.26 21.55
N GLU B 215 -15.26 -16.32 21.66
CA GLU B 215 -15.29 -17.67 21.31
CA GLU B 215 -15.41 -17.74 21.33
C GLU B 215 -14.35 -18.18 20.22
C GLU B 215 -14.43 -18.22 20.23
N SER B 216 -13.64 -19.27 20.50
CA SER B 216 -12.73 -19.82 19.51
C SER B 216 -13.54 -20.56 18.46
N ILE B 217 -12.82 -20.98 17.39
CA ILE B 217 -13.31 -22.01 16.45
C ILE B 217 -12.35 -23.14 16.47
N SER B 218 -12.77 -24.31 16.00
N SER B 218 -12.80 -24.29 15.95
CA SER B 218 -11.87 -25.45 16.02
CA SER B 218 -12.00 -25.50 16.01
C SER B 218 -10.99 -25.51 14.79
C SER B 218 -11.16 -25.66 14.75
N VAL B 219 -10.04 -26.40 14.88
CA VAL B 219 -9.20 -26.79 13.75
C VAL B 219 -8.57 -28.13 14.17
N SER B 220 -8.39 -29.07 13.26
CA SER B 220 -7.73 -30.32 13.65
C SER B 220 -6.24 -30.20 13.49
N SER B 221 -5.50 -31.13 14.16
N SER B 221 -5.51 -31.17 14.13
CA SER B 221 -4.07 -31.14 14.01
CA SER B 221 -4.08 -31.29 13.97
C SER B 221 -3.70 -31.38 12.52
C SER B 221 -3.68 -31.44 12.52
N GLU B 222 -4.49 -32.19 11.79
CA GLU B 222 -4.18 -32.45 10.36
C GLU B 222 -4.45 -31.22 9.49
N GLN B 223 -5.50 -30.43 9.82
CA GLN B 223 -5.77 -29.20 9.07
C GLN B 223 -4.61 -28.24 9.29
N LEU B 224 -4.10 -28.12 10.51
CA LEU B 224 -2.93 -27.26 10.73
C LEU B 224 -1.74 -27.73 9.94
N ALA B 225 -1.57 -29.07 9.82
CA ALA B 225 -0.44 -29.59 9.06
C ALA B 225 -0.56 -29.18 7.59
N GLN B 226 -1.81 -29.01 7.05
CA GLN B 226 -1.93 -28.55 5.69
C GLN B 226 -1.39 -27.14 5.54
N PHE B 227 -1.66 -26.24 6.51
CA PHE B 227 -1.07 -24.91 6.44
C PHE B 227 0.46 -24.99 6.41
N ARG B 228 1.02 -25.81 7.30
CA ARG B 228 2.45 -25.96 7.47
C ARG B 228 3.14 -26.56 6.29
N SER B 229 2.37 -27.24 5.43
CA SER B 229 2.96 -27.87 4.26
C SER B 229 3.00 -26.91 3.06
N LEU B 230 2.38 -25.73 3.16
CA LEU B 230 2.60 -24.75 2.08
C LEU B 230 4.08 -24.42 2.06
N LEU B 231 4.56 -24.01 0.88
CA LEU B 231 6.00 -23.76 0.68
C LEU B 231 6.28 -22.30 0.49
N SER B 232 7.32 -21.85 1.11
CA SER B 232 7.76 -20.45 1.02
C SER B 232 8.67 -20.18 -0.16
N ASN B 233 9.25 -21.19 -0.74
CA ASN B 233 10.12 -21.04 -1.89
C ASN B 233 9.29 -20.92 -3.18
N VAL B 234 9.95 -20.45 -4.20
CA VAL B 234 9.36 -20.48 -5.54
C VAL B 234 9.52 -21.89 -6.14
N GLU B 235 8.64 -22.17 -7.12
CA GLU B 235 8.65 -23.48 -7.79
C GLU B 235 10.05 -23.73 -8.37
N GLY B 236 10.53 -24.95 -8.16
CA GLY B 236 11.82 -25.39 -8.70
C GLY B 236 12.89 -25.28 -7.70
N ASP B 237 12.80 -24.42 -6.70
CA ASP B 237 13.80 -24.46 -5.66
C ASP B 237 13.54 -25.50 -4.62
N ASN B 238 14.55 -25.93 -3.85
N ASN B 238 14.50 -25.79 -3.76
CA ASN B 238 14.24 -26.96 -2.82
CA ASN B 238 14.29 -26.78 -2.72
C ASN B 238 13.11 -26.41 -1.95
C ASN B 238 13.11 -26.36 -1.84
N ALA B 239 12.29 -27.32 -1.45
CA ALA B 239 11.09 -27.01 -0.74
C ALA B 239 11.41 -26.50 0.68
N VAL B 240 10.78 -25.44 1.10
CA VAL B 240 10.94 -24.87 2.41
C VAL B 240 9.54 -24.68 3.00
N PRO B 241 9.06 -25.57 3.86
CA PRO B 241 7.71 -25.40 4.41
C PRO B 241 7.56 -24.13 5.19
N MET B 242 6.32 -23.62 5.18
CA MET B 242 5.94 -22.41 5.96
C MET B 242 5.59 -22.89 7.40
N GLN B 243 6.62 -23.04 8.21
CA GLN B 243 6.41 -23.71 9.49
C GLN B 243 5.60 -22.83 10.48
N HIS B 244 5.73 -21.50 10.41
CA HIS B 244 5.09 -20.62 11.36
C HIS B 244 5.07 -19.23 10.80
N ASN B 245 4.14 -18.39 11.32
CA ASN B 245 4.06 -17.02 10.87
C ASN B 245 3.34 -16.16 11.92
N ASN B 246 3.49 -16.51 13.19
CA ASN B 246 2.89 -15.73 14.25
C ASN B 246 3.88 -14.83 14.96
N ARG B 247 3.50 -13.60 15.20
CA ARG B 247 4.39 -12.67 15.91
C ARG B 247 4.18 -12.84 17.42
N PRO B 248 5.23 -12.72 18.25
CA PRO B 248 4.98 -12.71 19.71
C PRO B 248 4.09 -11.54 20.09
N THR B 249 3.46 -11.67 21.26
CA THR B 249 2.68 -10.61 21.82
C THR B 249 3.54 -9.43 22.30
N GLN B 250 2.97 -8.23 22.18
CA GLN B 250 3.74 -6.97 22.34
C GLN B 250 3.20 -6.23 23.50
N PRO B 251 4.01 -5.27 24.07
CA PRO B 251 3.57 -4.57 25.29
C PRO B 251 2.34 -3.74 25.08
N LEU B 252 1.41 -3.69 26.02
CA LEU B 252 0.18 -2.91 25.97
C LEU B 252 0.45 -1.42 25.97
N LYS B 253 1.47 -0.99 26.74
CA LYS B 253 1.89 0.41 26.69
C LYS B 253 0.71 1.26 27.05
N GLY B 254 -0.03 0.84 28.08
CA GLY B 254 -1.14 1.71 28.58
C GLY B 254 -2.43 1.67 27.88
N ARG B 255 -2.53 0.92 26.74
CA ARG B 255 -3.84 0.80 26.07
C ARG B 255 -4.85 0.01 26.92
N THR B 256 -6.11 0.31 26.68
CA THR B 256 -7.17 -0.48 27.33
C THR B 256 -7.89 -1.42 26.35
N VAL B 257 -8.00 -2.68 26.74
CA VAL B 257 -8.74 -3.64 25.95
C VAL B 257 -10.16 -3.54 26.51
N ARG B 258 -11.10 -3.17 25.63
CA ARG B 258 -12.52 -3.14 25.96
C ARG B 258 -13.22 -4.40 25.66
N ALA B 259 -14.19 -4.76 26.47
CA ALA B 259 -15.03 -5.92 26.27
C ALA B 259 -16.42 -5.52 25.92
N SER B 260 -17.03 -6.26 24.99
CA SER B 260 -18.40 -6.04 24.59
C SER B 260 -19.38 -6.78 25.54
N PHE B 261 -18.84 -7.53 26.54
CA PHE B 261 -19.71 -8.44 27.23
C PHE B 261 -19.15 -8.46 28.62
#